data_7YDX
#
_entry.id   7YDX
#
_cell.length_a   47.569
_cell.length_b   97.530
_cell.length_c   132.377
_cell.angle_alpha   90.000
_cell.angle_beta   90.000
_cell.angle_gamma   90.000
#
_symmetry.space_group_name_H-M   'P 21 21 21'
#
loop_
_entity.id
_entity.type
_entity.pdbx_description
1 polymer 'Receptor-interacting serine/threonine-protein kinase 1'
2 non-polymer 1-methyl-5-[2-(2-methylpropanoylamino)-[1,2,4]triazolo[1,5-a]pyridin-7-yl]-N-[(1S)-1-phenylethyl]indole-3-carboxamide
3 non-polymer 'IODIDE ION'
4 water water
#
_entity_poly.entity_id   1
_entity_poly.type   'polypeptide(L)'
_entity_poly.pdbx_seq_one_letter_code
;MQPDMSLNVIKMKSSDFLESAELDSGGFGKVSLAFHRTQGLMIMKTVYKGPNCIEHNEALLEEAKMMNRLRHSRVVKLLG
VIIEEGKYSLVMEYMEKGNLMHVLKAEMSTPLSVKGRIILEIIEGMAYLHGKGVIHKDLKPENILVDNDFHIKIADLGLA
SFKMWSKLNNEEHNELREVDGTAKKNGGTLYYMAPEHLNDVNAKPTEKSDVYSFAVVLWAIFANKEPYENAIAEQQLIMA
IKSGNRPDVDDITEYCPREIISLMKLCWEANPEARPTFPGIEEKFRPFYLSQLE
;
_entity_poly.pdbx_strand_id   A,B
#
loop_
_chem_comp.id
_chem_comp.type
_chem_comp.name
_chem_comp.formula
3CI non-polymer 1-methyl-5-[2-(2-methylpropanoylamino)-[1,2,4]triazolo[1,5-a]pyridin-7-yl]-N-[(1S)-1-phenylethyl]indole-3-carboxamide 'C28 H28 N6 O2'
IOD non-polymer 'IODIDE ION' 'I -1'
#
# COMPACT_ATOMS: atom_id res chain seq x y z
N ASN A 8 -0.82 -14.81 -15.28
CA ASN A 8 -1.70 -15.58 -14.40
C ASN A 8 -0.96 -16.01 -13.11
N VAL A 9 -1.45 -17.07 -12.49
CA VAL A 9 -0.89 -17.69 -11.30
C VAL A 9 0.19 -18.71 -11.60
N ILE A 10 0.72 -19.33 -10.57
CA ILE A 10 1.67 -20.38 -10.78
C ILE A 10 0.92 -21.63 -10.37
N LYS A 11 0.87 -22.55 -11.30
CA LYS A 11 0.21 -23.79 -11.15
C LYS A 11 1.32 -24.69 -10.76
N MET A 12 1.18 -25.31 -9.64
CA MET A 12 2.24 -26.15 -9.11
C MET A 12 1.80 -27.61 -9.07
N LYS A 13 2.78 -28.48 -8.85
CA LYS A 13 2.60 -29.92 -8.76
C LYS A 13 2.93 -30.37 -7.35
N SER A 14 2.24 -31.43 -6.89
CA SER A 14 2.56 -31.98 -5.58
C SER A 14 4.03 -32.40 -5.51
N SER A 15 4.59 -32.85 -6.63
CA SER A 15 5.99 -33.25 -6.72
C SER A 15 6.96 -32.07 -6.64
N ASP A 16 6.46 -30.83 -6.63
CA ASP A 16 7.32 -29.66 -6.44
C ASP A 16 7.77 -29.52 -5.00
N PHE A 17 7.25 -30.35 -4.13
CA PHE A 17 7.55 -30.29 -2.73
C PHE A 17 8.16 -31.52 -2.21
N LEU A 18 9.24 -31.38 -1.49
CA LEU A 18 9.88 -32.53 -0.89
C LEU A 18 9.09 -33.19 0.24
N GLU A 19 8.59 -32.41 1.16
CA GLU A 19 7.85 -32.91 2.31
C GLU A 19 6.98 -31.84 2.91
N SER A 20 6.18 -32.21 3.88
CA SER A 20 5.33 -31.26 4.54
C SER A 20 5.13 -31.75 5.97
N ALA A 21 4.49 -30.90 6.78
CA ALA A 21 4.12 -31.27 8.14
C ALA A 21 2.82 -30.54 8.47
N GLU A 22 1.82 -31.29 8.92
CA GLU A 22 0.51 -30.71 9.20
C GLU A 22 0.62 -29.66 10.30
N LEU A 23 -0.25 -28.65 10.21
CA LEU A 23 -0.34 -27.64 11.24
C LEU A 23 -1.59 -27.89 12.07
N GLY A 29 -10.48 -28.94 5.34
CA GLY A 29 -9.16 -29.07 4.74
C GLY A 29 -7.91 -29.07 5.64
N LYS A 30 -6.76 -29.46 5.07
CA LYS A 30 -5.50 -29.60 5.81
C LYS A 30 -4.56 -28.41 5.57
N VAL A 31 -4.00 -27.83 6.64
CA VAL A 31 -3.01 -26.76 6.54
C VAL A 31 -1.64 -27.30 6.95
N SER A 32 -0.65 -27.12 6.09
CA SER A 32 0.66 -27.75 6.25
C SER A 32 1.78 -26.79 5.98
N LEU A 33 2.88 -26.93 6.71
CA LEU A 33 4.12 -26.30 6.29
C LEU A 33 4.74 -27.21 5.25
N ALA A 34 5.04 -26.69 4.07
CA ALA A 34 5.52 -27.51 2.98
C ALA A 34 6.83 -26.94 2.46
N PHE A 35 7.79 -27.82 2.18
CA PHE A 35 9.08 -27.38 1.65
C PHE A 35 9.11 -27.63 0.14
N HIS A 36 9.18 -26.53 -0.61
CA HIS A 36 9.31 -26.54 -2.06
C HIS A 36 10.77 -26.75 -2.43
N ARG A 37 11.01 -27.66 -3.35
CA ARG A 37 12.36 -28.10 -3.68
C ARG A 37 13.21 -26.97 -4.24
N THR A 38 12.58 -25.95 -4.83
CA THR A 38 13.25 -24.78 -5.38
C THR A 38 12.95 -23.48 -4.62
N GLN A 39 11.73 -23.33 -4.10
CA GLN A 39 11.28 -22.10 -3.48
C GLN A 39 11.40 -22.09 -1.96
N GLY A 40 11.58 -23.24 -1.32
CA GLY A 40 11.72 -23.23 0.13
C GLY A 40 10.40 -23.30 0.85
N LEU A 41 10.33 -22.69 2.03
CA LEU A 41 9.16 -22.87 2.89
C LEU A 41 7.93 -22.13 2.34
N MET A 42 6.77 -22.80 2.37
CA MET A 42 5.50 -22.21 1.95
C MET A 42 4.39 -22.88 2.76
N ILE A 43 3.19 -22.32 2.71
CA ILE A 43 2.07 -22.87 3.46
C ILE A 43 1.07 -23.46 2.46
N MET A 44 0.68 -24.71 2.68
CA MET A 44 -0.24 -25.39 1.78
C MET A 44 -1.57 -25.65 2.48
N LYS A 45 -2.65 -25.19 1.87
CA LYS A 45 -4.00 -25.56 2.29
C LYS A 45 -4.56 -26.51 1.25
N THR A 46 -4.75 -27.77 1.63
CA THR A 46 -5.37 -28.76 0.75
C THR A 46 -6.87 -28.68 0.97
N VAL A 47 -7.58 -28.22 -0.07
CA VAL A 47 -9.01 -27.92 -0.02
C VAL A 47 -9.87 -29.15 -0.29
N TYR A 48 -9.47 -30.03 -1.21
CA TYR A 48 -10.32 -31.14 -1.58
C TYR A 48 -9.46 -32.33 -2.01
N LYS A 49 -9.77 -33.48 -1.42
CA LYS A 49 -9.17 -34.78 -1.77
C LYS A 49 -10.35 -35.72 -2.04
N GLY A 50 -10.57 -36.05 -3.32
CA GLY A 50 -11.68 -36.89 -3.72
C GLY A 50 -11.60 -37.39 -5.15
N PRO A 51 -12.74 -37.86 -5.69
CA PRO A 51 -12.81 -38.23 -7.11
C PRO A 51 -12.77 -37.00 -8.00
N ASN A 52 -12.23 -37.17 -9.22
CA ASN A 52 -12.00 -35.99 -10.03
C ASN A 52 -13.32 -35.37 -10.49
N CYS A 53 -13.25 -34.07 -10.78
CA CYS A 53 -14.39 -33.20 -11.00
C CYS A 53 -13.90 -31.98 -11.75
N ILE A 54 -14.56 -31.67 -12.85
CA ILE A 54 -14.31 -30.40 -13.54
C ILE A 54 -15.48 -29.46 -13.29
N GLU A 55 -16.36 -29.84 -12.35
CA GLU A 55 -17.59 -29.18 -11.92
C GLU A 55 -17.36 -27.71 -11.62
N HIS A 56 -16.14 -27.36 -11.51
CA HIS A 56 -15.77 -26.00 -11.21
C HIS A 56 -14.41 -25.66 -11.79
N ASN A 57 -13.69 -26.64 -12.35
CA ASN A 57 -12.27 -26.49 -12.68
C ASN A 57 -11.98 -25.14 -13.32
N GLU A 58 -12.67 -24.81 -14.41
CA GLU A 58 -12.42 -23.54 -15.14
C GLU A 58 -12.64 -22.33 -14.21
N ALA A 59 -13.79 -22.25 -13.56
CA ALA A 59 -14.01 -21.18 -12.61
C ALA A 59 -12.95 -21.20 -11.52
N LEU A 60 -12.56 -22.40 -11.06
CA LEU A 60 -11.58 -22.49 -9.99
C LEU A 60 -10.31 -21.75 -10.38
N LEU A 61 -9.77 -22.03 -11.58
CA LEU A 61 -8.53 -21.36 -11.96
C LEU A 61 -8.78 -19.85 -12.09
N GLU A 62 -9.95 -19.49 -12.60
CA GLU A 62 -10.33 -18.08 -12.69
C GLU A 62 -10.27 -17.45 -11.29
N GLU A 63 -10.92 -18.09 -10.31
CA GLU A 63 -10.92 -17.54 -8.98
C GLU A 63 -9.50 -17.41 -8.44
N ALA A 64 -8.63 -18.39 -8.78
CA ALA A 64 -7.23 -18.33 -8.37
C ALA A 64 -6.53 -17.12 -8.96
N LYS A 65 -6.69 -16.89 -10.26
CA LYS A 65 -6.10 -15.69 -10.86
C LYS A 65 -6.57 -14.47 -10.08
N MET A 66 -7.85 -14.45 -9.70
CA MET A 66 -8.39 -13.34 -8.92
C MET A 66 -7.63 -13.18 -7.62
N MET A 67 -7.59 -14.25 -6.80
CA MET A 67 -6.87 -14.12 -5.53
C MET A 67 -5.37 -13.96 -5.72
N ASN A 68 -4.85 -14.20 -6.92
CA ASN A 68 -3.45 -13.94 -7.17
C ASN A 68 -3.18 -12.47 -7.38
N ARG A 69 -4.19 -11.72 -7.80
CA ARG A 69 -4.00 -10.31 -8.10
C ARG A 69 -3.92 -9.46 -6.85
N LEU A 70 -4.27 -10.00 -5.69
CA LEU A 70 -4.13 -9.28 -4.42
C LEU A 70 -2.65 -9.32 -4.07
N ARG A 71 -1.93 -8.22 -4.35
CA ARG A 71 -0.52 -8.09 -4.03
C ARG A 71 -0.31 -6.81 -3.22
N HIS A 72 -0.07 -6.99 -1.94
CA HIS A 72 0.14 -5.88 -1.03
C HIS A 72 0.94 -6.39 0.14
N SER A 73 1.76 -5.50 0.72
CA SER A 73 2.67 -5.92 1.78
C SER A 73 1.94 -6.40 3.06
N ARG A 74 0.66 -6.10 3.21
CA ARG A 74 -0.11 -6.52 4.38
C ARG A 74 -1.17 -7.55 4.04
N VAL A 75 -1.03 -8.22 2.90
CA VAL A 75 -1.95 -9.28 2.47
C VAL A 75 -1.12 -10.48 2.08
N VAL A 76 -1.55 -11.66 2.53
CA VAL A 76 -0.89 -12.93 2.22
C VAL A 76 -0.99 -13.16 0.72
N LYS A 77 0.15 -13.13 0.02
CA LYS A 77 0.17 -13.46 -1.40
C LYS A 77 -0.07 -14.95 -1.66
N LEU A 78 -1.06 -15.24 -2.52
CA LEU A 78 -1.24 -16.57 -3.11
C LEU A 78 -0.10 -16.88 -4.04
N LEU A 79 0.74 -17.87 -3.67
CA LEU A 79 1.93 -18.24 -4.43
C LEU A 79 1.64 -19.21 -5.56
N GLY A 80 0.76 -20.16 -5.34
CA GLY A 80 0.50 -21.13 -6.39
C GLY A 80 -0.80 -21.90 -6.20
N VAL A 81 -1.19 -22.59 -7.26
CA VAL A 81 -2.35 -23.47 -7.24
C VAL A 81 -1.93 -24.85 -7.68
N ILE A 82 -2.44 -25.88 -6.99
CA ILE A 82 -2.29 -27.27 -7.39
C ILE A 82 -3.67 -27.80 -7.77
N ILE A 83 -3.88 -28.06 -9.05
CA ILE A 83 -5.11 -28.67 -9.55
C ILE A 83 -4.71 -29.99 -10.18
N GLU A 84 -5.05 -31.10 -9.52
CA GLU A 84 -4.68 -32.43 -9.96
C GLU A 84 -5.90 -33.33 -9.86
N GLU A 85 -5.78 -34.55 -10.39
CA GLU A 85 -6.92 -35.46 -10.38
C GLU A 85 -7.32 -35.71 -8.94
N GLY A 86 -8.51 -35.23 -8.59
CA GLY A 86 -9.05 -35.36 -7.26
C GLY A 86 -8.29 -34.65 -6.17
N LYS A 87 -7.38 -33.73 -6.49
CA LYS A 87 -6.63 -33.01 -5.46
C LYS A 87 -6.58 -31.53 -5.79
N TYR A 88 -7.08 -30.69 -4.87
CA TYR A 88 -7.08 -29.24 -5.05
C TYR A 88 -6.39 -28.57 -3.88
N SER A 89 -5.38 -27.75 -4.16
CA SER A 89 -4.61 -27.10 -3.10
C SER A 89 -4.30 -25.65 -3.43
N LEU A 90 -4.33 -24.81 -2.40
CA LEU A 90 -3.89 -23.41 -2.48
C LEU A 90 -2.57 -23.29 -1.73
N VAL A 91 -1.64 -22.52 -2.28
CA VAL A 91 -0.33 -22.39 -1.68
C VAL A 91 -0.01 -20.92 -1.47
N MET A 92 0.30 -20.55 -0.22
CA MET A 92 0.44 -19.19 0.31
C MET A 92 1.84 -19.00 0.88
N GLU A 93 2.21 -17.74 1.06
CA GLU A 93 3.52 -17.45 1.64
C GLU A 93 3.49 -17.71 3.15
N TYR A 94 4.63 -18.15 3.67
CA TYR A 94 4.75 -18.57 5.07
C TYR A 94 4.93 -17.38 6.01
N MET A 95 4.22 -17.40 7.12
CA MET A 95 4.27 -16.36 8.14
C MET A 95 4.81 -17.00 9.42
N GLU A 96 5.97 -16.50 9.90
CA GLU A 96 6.81 -17.27 10.83
C GLU A 96 6.17 -17.47 12.19
N LYS A 97 5.55 -16.45 12.73
CA LYS A 97 5.14 -16.49 14.13
C LYS A 97 3.66 -16.80 14.30
N GLY A 98 2.96 -17.15 13.22
CA GLY A 98 1.55 -17.50 13.34
C GLY A 98 0.65 -16.29 13.53
N ASN A 99 -0.52 -16.54 14.09
CA ASN A 99 -1.55 -15.52 14.14
C ASN A 99 -1.42 -14.61 15.35
N LEU A 100 -2.15 -13.50 15.27
CA LEU A 100 -2.00 -12.39 16.21
C LEU A 100 -2.34 -12.81 17.63
N MET A 101 -3.44 -13.57 17.81
CA MET A 101 -3.85 -13.94 19.16
C MET A 101 -2.72 -14.67 19.87
N HIS A 102 -2.07 -15.59 19.15
CA HIS A 102 -0.93 -16.33 19.70
C HIS A 102 0.21 -15.41 20.11
N VAL A 103 0.55 -14.43 19.28
CA VAL A 103 1.65 -13.53 19.59
C VAL A 103 1.32 -12.66 20.78
N LEU A 104 0.05 -12.28 20.92
CA LEU A 104 -0.37 -11.47 22.06
C LEU A 104 -0.24 -12.26 23.36
N LYS A 105 -0.66 -13.51 23.35
CA LYS A 105 -0.64 -14.35 24.58
C LYS A 105 0.74 -14.95 24.79
N ALA A 106 1.76 -14.43 24.13
CA ALA A 106 3.12 -14.99 24.29
C ALA A 106 3.70 -14.53 25.63
N GLU A 107 4.67 -15.26 26.15
CA GLU A 107 5.27 -14.96 27.48
C GLU A 107 5.88 -13.56 27.45
N MET A 108 6.63 -13.24 26.40
CA MET A 108 7.22 -11.89 26.29
C MET A 108 6.08 -10.91 26.03
N SER A 109 6.17 -9.71 26.60
CA SER A 109 5.12 -8.67 26.43
C SER A 109 5.36 -7.94 25.11
N THR A 110 4.32 -7.37 24.49
CA THR A 110 4.53 -6.65 23.22
C THR A 110 4.48 -5.14 23.49
N PRO A 111 5.49 -4.36 23.06
CA PRO A 111 5.53 -2.92 23.26
C PRO A 111 4.33 -2.21 22.63
N LEU A 112 3.87 -1.15 23.29
CA LEU A 112 2.74 -0.38 22.80
C LEU A 112 3.04 0.21 21.42
N SER A 113 4.30 0.49 21.12
CA SER A 113 4.63 0.97 19.79
C SER A 113 4.40 -0.13 18.74
N VAL A 114 4.77 -1.37 19.05
CA VAL A 114 4.58 -2.49 18.11
C VAL A 114 3.10 -2.79 17.93
N LYS A 115 2.29 -2.67 18.98
CA LYS A 115 0.86 -2.82 18.77
C LYS A 115 0.32 -1.70 17.90
N GLY A 116 0.85 -0.48 18.06
CA GLY A 116 0.42 0.59 17.17
C GLY A 116 0.76 0.30 15.72
N ARG A 117 1.95 -0.22 15.48
CA ARG A 117 2.32 -0.52 14.11
C ARG A 117 1.46 -1.65 13.54
N ILE A 118 1.22 -2.69 14.33
CA ILE A 118 0.34 -3.77 13.91
C ILE A 118 -1.02 -3.21 13.50
N ILE A 119 -1.55 -2.30 14.31
CA ILE A 119 -2.86 -1.74 14.02
C ILE A 119 -2.82 -0.97 12.71
N LEU A 120 -1.75 -0.20 12.50
CA LEU A 120 -1.64 0.57 11.27
C LEU A 120 -1.54 -0.34 10.05
N GLU A 121 -0.76 -1.41 10.18
CA GLU A 121 -0.63 -2.36 9.08
C GLU A 121 -1.94 -3.07 8.79
N ILE A 122 -2.73 -3.39 9.81
CA ILE A 122 -4.04 -3.95 9.56
C ILE A 122 -4.89 -2.96 8.79
N ILE A 123 -4.85 -1.69 9.23
CA ILE A 123 -5.64 -0.67 8.54
C ILE A 123 -5.24 -0.62 7.08
N GLU A 124 -3.94 -0.68 6.79
CA GLU A 124 -3.45 -0.59 5.41
C GLU A 124 -3.92 -1.78 4.59
N GLY A 125 -3.78 -2.98 5.14
CA GLY A 125 -4.22 -4.15 4.40
C GLY A 125 -5.70 -4.10 4.12
N MET A 126 -6.48 -3.67 5.11
CA MET A 126 -7.93 -3.62 4.93
C MET A 126 -8.31 -2.56 3.91
N ALA A 127 -7.61 -1.42 3.92
CA ALA A 127 -7.84 -0.40 2.90
C ALA A 127 -7.58 -0.96 1.51
N TYR A 128 -6.47 -1.69 1.34
CA TYR A 128 -6.15 -2.27 0.05
C TYR A 128 -7.25 -3.23 -0.41
N LEU A 129 -7.62 -4.19 0.44
CA LEU A 129 -8.65 -5.14 0.07
C LEU A 129 -9.97 -4.43 -0.29
N HIS A 130 -10.32 -3.37 0.42
CA HIS A 130 -11.55 -2.65 0.10
C HIS A 130 -11.42 -1.85 -1.19
N GLY A 131 -10.21 -1.35 -1.48
CA GLY A 131 -9.96 -0.63 -2.70
C GLY A 131 -9.96 -1.52 -3.92
N LYS A 132 -9.74 -2.82 -3.73
CA LYS A 132 -9.87 -3.78 -4.82
C LYS A 132 -11.22 -4.48 -4.81
N GLY A 133 -12.19 -3.90 -4.10
CA GLY A 133 -13.52 -4.45 -4.08
C GLY A 133 -13.69 -5.73 -3.30
N VAL A 134 -12.78 -6.04 -2.37
CA VAL A 134 -12.87 -7.27 -1.59
C VAL A 134 -13.43 -6.95 -0.20
N ILE A 135 -14.53 -7.60 0.16
N ILE A 135 -14.53 -7.58 0.16
CA ILE A 135 -15.10 -7.56 1.50
CA ILE A 135 -15.07 -7.52 1.51
C ILE A 135 -14.63 -8.81 2.21
C ILE A 135 -14.63 -8.80 2.20
N HIS A 136 -13.78 -8.67 3.23
CA HIS A 136 -13.21 -9.86 3.86
C HIS A 136 -14.29 -10.83 4.34
N LYS A 137 -15.18 -10.35 5.21
CA LYS A 137 -16.32 -11.02 5.86
C LYS A 137 -15.89 -11.86 7.08
N ASP A 138 -14.61 -12.03 7.35
CA ASP A 138 -14.22 -12.91 8.44
C ASP A 138 -12.95 -12.42 9.12
N LEU A 139 -12.82 -11.10 9.24
CA LEU A 139 -11.66 -10.52 9.90
C LEU A 139 -11.69 -10.81 11.40
N LYS A 140 -10.56 -11.33 11.90
CA LYS A 140 -10.44 -11.81 13.26
C LYS A 140 -8.97 -12.10 13.52
N PRO A 141 -8.58 -12.24 14.79
CA PRO A 141 -7.15 -12.47 15.09
C PRO A 141 -6.58 -13.70 14.44
N GLU A 142 -7.40 -14.72 14.15
CA GLU A 142 -6.91 -15.93 13.50
C GLU A 142 -6.49 -15.66 12.06
N ASN A 143 -7.03 -14.63 11.43
CA ASN A 143 -6.73 -14.30 10.04
C ASN A 143 -5.72 -13.17 9.96
N ILE A 144 -5.02 -12.87 11.05
CA ILE A 144 -4.00 -11.82 11.06
C ILE A 144 -2.67 -12.49 11.39
N LEU A 145 -1.83 -12.70 10.39
CA LEU A 145 -0.60 -13.45 10.58
C LEU A 145 0.59 -12.53 10.75
N VAL A 146 1.59 -13.03 11.48
CA VAL A 146 2.75 -12.26 11.92
C VAL A 146 4.01 -12.86 11.34
N ASP A 147 4.85 -12.03 10.71
CA ASP A 147 6.16 -12.50 10.24
C ASP A 147 7.20 -12.38 11.37
N ASN A 148 8.44 -12.74 11.06
CA ASN A 148 9.46 -12.74 12.11
C ASN A 148 9.81 -11.34 12.58
N ASP A 149 9.56 -10.32 11.76
CA ASP A 149 9.85 -8.94 12.13
C ASP A 149 8.68 -8.26 12.83
N PHE A 150 7.64 -9.03 13.19
CA PHE A 150 6.41 -8.55 13.80
C PHE A 150 5.56 -7.68 12.86
N HIS A 151 5.75 -7.79 11.55
CA HIS A 151 4.84 -7.19 10.58
C HIS A 151 3.69 -8.16 10.31
N ILE A 152 2.55 -7.62 9.92
CA ILE A 152 1.38 -8.47 9.75
C ILE A 152 0.95 -8.53 8.28
N LYS A 153 0.20 -9.58 8.00
CA LYS A 153 -0.40 -9.84 6.68
C LYS A 153 -1.79 -10.38 6.92
N ILE A 154 -2.77 -9.90 6.18
CA ILE A 154 -4.14 -10.36 6.35
C ILE A 154 -4.32 -11.60 5.48
N ALA A 155 -5.03 -12.58 6.04
CA ALA A 155 -5.19 -13.90 5.47
C ALA A 155 -6.68 -14.20 5.42
N ASP A 156 -7.07 -15.26 4.69
CA ASP A 156 -8.47 -15.70 4.61
C ASP A 156 -8.52 -17.21 4.83
N LEU A 157 -8.35 -17.64 6.08
CA LEU A 157 -8.20 -19.05 6.37
C LEU A 157 -9.45 -19.85 6.03
N GLY A 158 -10.64 -19.26 6.20
CA GLY A 158 -11.91 -19.89 5.99
C GLY A 158 -12.46 -19.81 4.58
N LEU A 159 -11.69 -19.30 3.63
CA LEU A 159 -12.15 -19.22 2.24
C LEU A 159 -13.43 -18.38 2.13
N ALA A 160 -13.51 -17.32 2.94
CA ALA A 160 -14.71 -16.50 2.96
C ALA A 160 -14.82 -15.60 1.73
N SER A 161 -13.69 -15.23 1.15
CA SER A 161 -13.71 -14.18 0.15
C SER A 161 -14.05 -14.72 -1.23
N PHE A 162 -13.72 -15.98 -1.50
CA PHE A 162 -13.87 -16.52 -2.85
C PHE A 162 -14.77 -17.74 -2.80
N LYS A 163 -15.95 -17.64 -3.43
CA LYS A 163 -17.05 -18.52 -3.09
C LYS A 163 -16.95 -19.93 -3.63
N MET A 164 -16.17 -20.17 -4.65
CA MET A 164 -16.30 -21.46 -5.28
C MET A 164 -15.22 -22.44 -4.89
N TRP A 165 -14.02 -21.98 -4.50
CA TRP A 165 -13.17 -22.83 -3.67
C TRP A 165 -13.88 -23.14 -2.38
N SER A 166 -14.63 -22.16 -1.85
CA SER A 166 -15.44 -22.41 -0.67
C SER A 166 -16.45 -23.52 -0.93
N LYS A 167 -17.06 -23.51 -2.12
CA LYS A 167 -17.96 -24.59 -2.48
C LYS A 167 -17.19 -25.90 -2.56
N LEU A 168 -16.06 -25.90 -3.27
CA LEU A 168 -15.22 -27.06 -3.39
C LEU A 168 -14.85 -27.62 -2.02
N ASN A 169 -14.61 -26.74 -1.04
CA ASN A 169 -14.27 -27.21 0.30
C ASN A 169 -15.43 -28.00 0.93
N ASN A 170 -16.67 -27.66 0.59
CA ASN A 170 -17.84 -28.27 1.21
C ASN A 170 -18.53 -29.31 0.34
N GLU A 171 -18.04 -29.56 -0.88
CA GLU A 171 -18.59 -30.59 -1.74
C GLU A 171 -18.61 -31.95 -1.02
N GLU A 172 -19.76 -32.64 -1.07
CA GLU A 172 -19.97 -33.82 -0.22
C GLU A 172 -19.01 -34.97 -0.53
N HIS A 173 -18.28 -34.94 -1.64
CA HIS A 173 -17.36 -36.02 -1.97
C HIS A 173 -15.92 -35.77 -1.52
N ASN A 174 -15.64 -34.61 -0.97
CA ASN A 174 -14.30 -34.33 -0.46
C ASN A 174 -14.07 -35.17 0.80
N GLU A 175 -13.13 -36.11 0.72
CA GLU A 175 -12.77 -36.91 1.90
C GLU A 175 -12.35 -36.02 3.06
N LEU A 176 -11.82 -34.86 2.74
CA LEU A 176 -11.13 -34.03 3.71
C LEU A 176 -12.06 -33.00 4.33
N GLY A 188 -15.71 -21.58 13.68
CA GLY A 188 -16.54 -20.49 13.22
C GLY A 188 -16.86 -19.48 14.32
N THR A 189 -15.88 -18.69 14.74
CA THR A 189 -16.08 -17.74 15.83
C THR A 189 -17.00 -16.59 15.40
N LEU A 190 -17.80 -16.10 16.37
CA LEU A 190 -18.78 -15.04 16.16
C LEU A 190 -18.52 -13.76 16.97
N TYR A 191 -17.40 -13.68 17.69
CA TYR A 191 -17.11 -12.52 18.52
C TYR A 191 -16.81 -11.28 17.70
N TYR A 192 -16.51 -11.44 16.42
CA TYR A 192 -16.14 -10.34 15.54
C TYR A 192 -17.16 -10.09 14.44
N MET A 193 -18.31 -10.75 14.50
CA MET A 193 -19.35 -10.61 13.49
C MET A 193 -20.24 -9.43 13.85
N ALA A 194 -20.29 -8.43 12.97
CA ALA A 194 -21.13 -7.27 13.24
C ALA A 194 -22.55 -7.73 13.56
N PRO A 195 -23.22 -7.08 14.52
CA PRO A 195 -24.52 -7.58 14.98
C PRO A 195 -25.57 -7.68 13.88
N GLU A 196 -25.43 -6.92 12.80
CA GLU A 196 -26.42 -7.01 11.75
C GLU A 196 -26.42 -8.37 11.04
N HIS A 197 -25.34 -9.14 11.11
CA HIS A 197 -25.29 -10.48 10.52
C HIS A 197 -25.53 -11.62 11.52
N LEU A 198 -25.66 -11.32 12.80
CA LEU A 198 -26.01 -12.34 13.80
C LEU A 198 -27.50 -12.67 13.70
N ASN A 199 -27.81 -13.97 13.68
CA ASN A 199 -29.17 -14.48 13.56
C ASN A 199 -29.86 -13.99 12.28
N ASP A 200 -29.05 -13.62 11.29
CA ASP A 200 -29.52 -13.09 10.00
C ASP A 200 -28.50 -13.59 8.97
N VAL A 201 -28.78 -14.76 8.42
CA VAL A 201 -27.84 -15.40 7.50
C VAL A 201 -27.93 -14.84 6.09
N ASN A 202 -28.81 -13.87 5.85
CA ASN A 202 -29.04 -13.36 4.53
C ASN A 202 -28.46 -11.98 4.27
N ALA A 203 -28.27 -11.17 5.29
CA ALA A 203 -27.77 -9.81 5.09
C ALA A 203 -26.42 -9.82 4.40
N LYS A 204 -26.27 -8.96 3.41
CA LYS A 204 -25.05 -8.93 2.60
C LYS A 204 -23.97 -8.17 3.37
N PRO A 205 -22.83 -8.79 3.63
CA PRO A 205 -21.76 -8.06 4.31
C PRO A 205 -21.21 -6.94 3.45
N THR A 206 -20.79 -5.87 4.12
CA THR A 206 -20.27 -4.66 3.49
C THR A 206 -18.95 -4.31 4.15
N GLU A 207 -18.30 -3.25 3.63
CA GLU A 207 -17.11 -2.73 4.28
C GLU A 207 -17.35 -2.36 5.74
N LYS A 208 -18.56 -1.90 6.08
CA LYS A 208 -18.88 -1.58 7.47
C LYS A 208 -18.82 -2.82 8.37
N SER A 209 -19.13 -4.01 7.83
CA SER A 209 -18.94 -5.27 8.57
C SER A 209 -17.48 -5.45 8.98
N ASP A 210 -16.56 -5.27 8.02
CA ASP A 210 -15.13 -5.45 8.27
C ASP A 210 -14.62 -4.41 9.25
N VAL A 211 -15.21 -3.20 9.23
CA VAL A 211 -14.84 -2.20 10.23
C VAL A 211 -15.25 -2.66 11.64
N TYR A 212 -16.46 -3.22 11.78
CA TYR A 212 -16.84 -3.72 13.09
C TYR A 212 -15.84 -4.76 13.59
N SER A 213 -15.54 -5.73 12.73
CA SER A 213 -14.57 -6.74 13.08
C SER A 213 -13.27 -6.09 13.52
N PHE A 214 -12.82 -5.05 12.79
CA PHE A 214 -11.62 -4.32 13.17
C PHE A 214 -11.71 -3.76 14.59
N ALA A 215 -12.90 -3.29 14.98
CA ALA A 215 -13.09 -2.70 16.30
C ALA A 215 -12.86 -3.73 17.41
N VAL A 216 -13.47 -4.90 17.24
CA VAL A 216 -13.24 -5.95 18.22
C VAL A 216 -11.79 -6.43 18.19
N VAL A 217 -11.15 -6.45 17.02
CA VAL A 217 -9.74 -6.83 16.97
C VAL A 217 -8.88 -5.85 17.75
N LEU A 218 -9.22 -4.56 17.68
CA LEU A 218 -8.51 -3.55 18.47
C LEU A 218 -8.62 -3.88 19.96
N TRP A 219 -9.86 -4.07 20.43
CA TRP A 219 -10.04 -4.47 21.82
C TRP A 219 -9.19 -5.69 22.16
N ALA A 220 -9.26 -6.73 21.33
CA ALA A 220 -8.50 -7.93 21.61
C ALA A 220 -7.00 -7.69 21.60
N ILE A 221 -6.54 -6.74 20.78
CA ILE A 221 -5.12 -6.46 20.75
C ILE A 221 -4.69 -5.91 22.10
N PHE A 222 -5.52 -5.06 22.70
CA PHE A 222 -5.08 -4.46 23.96
C PHE A 222 -5.47 -5.25 25.21
N ALA A 223 -6.38 -6.22 25.11
CA ALA A 223 -6.74 -7.05 26.25
C ALA A 223 -6.03 -8.38 26.25
N ASN A 224 -5.30 -8.69 25.19
CA ASN A 224 -4.55 -9.93 25.02
C ASN A 224 -5.42 -11.18 25.22
N LYS A 225 -6.69 -11.11 24.81
CA LYS A 225 -7.58 -12.25 24.99
C LYS A 225 -8.87 -12.06 24.21
N GLU A 226 -9.61 -13.15 24.06
CA GLU A 226 -10.92 -13.09 23.44
C GLU A 226 -11.90 -12.32 24.34
N PRO A 227 -12.87 -11.62 23.75
CA PRO A 227 -13.89 -10.92 24.54
C PRO A 227 -14.94 -11.88 25.11
N TYR A 228 -15.84 -11.31 25.90
CA TYR A 228 -17.05 -11.96 26.41
C TYR A 228 -16.78 -13.25 27.16
N GLU A 229 -15.85 -13.21 28.11
CA GLU A 229 -15.50 -14.47 28.75
C GLU A 229 -16.61 -14.97 29.69
N ASN A 230 -17.22 -14.11 30.50
CA ASN A 230 -18.32 -14.63 31.31
C ASN A 230 -19.66 -14.64 30.59
N ALA A 231 -19.66 -14.65 29.27
CA ALA A 231 -20.90 -14.97 28.59
C ALA A 231 -21.23 -16.42 28.95
N ILE A 232 -22.50 -16.70 29.18
CA ILE A 232 -22.89 -17.99 29.73
C ILE A 232 -23.40 -18.92 28.63
N ALA A 233 -24.21 -18.42 27.70
CA ALA A 233 -24.75 -19.25 26.65
C ALA A 233 -24.81 -18.47 25.34
N GLU A 234 -24.77 -19.20 24.23
CA GLU A 234 -24.62 -18.55 22.92
C GLU A 234 -25.81 -17.68 22.56
N GLN A 235 -27.04 -18.14 22.84
CA GLN A 235 -28.20 -17.31 22.55
C GLN A 235 -28.18 -16.04 23.40
N GLN A 236 -27.73 -16.17 24.65
CA GLN A 236 -27.60 -15.01 25.52
C GLN A 236 -26.67 -13.98 24.92
N LEU A 237 -25.52 -14.43 24.44
CA LEU A 237 -24.53 -13.54 23.88
C LEU A 237 -25.01 -12.94 22.58
N ILE A 238 -25.70 -13.74 21.76
CA ILE A 238 -26.18 -13.25 20.48
C ILE A 238 -27.22 -12.15 20.67
N MET A 239 -28.20 -12.39 21.54
CA MET A 239 -29.23 -11.40 21.79
C MET A 239 -28.64 -10.17 22.47
N ALA A 240 -27.68 -10.37 23.38
CA ALA A 240 -27.04 -9.25 24.07
C ALA A 240 -26.30 -8.35 23.10
N ILE A 241 -25.52 -8.96 22.18
CA ILE A 241 -24.73 -8.20 21.21
C ILE A 241 -25.64 -7.45 20.25
N LYS A 242 -26.69 -8.10 19.74
CA LYS A 242 -27.59 -7.41 18.83
C LYS A 242 -28.25 -6.22 19.51
N SER A 243 -28.44 -6.28 20.83
CA SER A 243 -29.07 -5.21 21.58
C SER A 243 -28.07 -4.17 22.10
N GLY A 244 -26.79 -4.28 21.73
CA GLY A 244 -25.81 -3.26 22.03
C GLY A 244 -24.62 -3.67 22.89
N ASN A 245 -24.60 -4.86 23.49
CA ASN A 245 -23.46 -5.29 24.28
C ASN A 245 -22.19 -5.27 23.44
N ARG A 246 -21.09 -4.84 24.03
CA ARG A 246 -19.80 -4.76 23.37
C ARG A 246 -18.75 -5.35 24.29
N PRO A 247 -17.54 -5.56 23.80
CA PRO A 247 -16.47 -6.01 24.70
C PRO A 247 -16.24 -5.02 25.84
N ASP A 248 -15.83 -5.56 26.98
CA ASP A 248 -15.73 -4.81 28.22
C ASP A 248 -14.44 -3.98 28.20
N VAL A 249 -14.57 -2.66 28.09
CA VAL A 249 -13.38 -1.84 27.99
C VAL A 249 -12.58 -1.80 29.29
N ASP A 250 -13.21 -2.08 30.43
CA ASP A 250 -12.45 -2.07 31.67
C ASP A 250 -11.56 -3.30 31.77
N ASP A 251 -11.97 -4.39 31.13
CA ASP A 251 -11.17 -5.60 31.14
C ASP A 251 -9.82 -5.42 30.44
N ILE A 252 -9.60 -4.27 29.80
CA ILE A 252 -8.25 -3.91 29.40
C ILE A 252 -7.49 -3.54 30.67
N THR A 253 -6.51 -4.34 31.04
CA THR A 253 -5.72 -4.11 32.24
C THR A 253 -4.33 -3.56 31.95
N GLU A 254 -3.95 -3.41 30.68
CA GLU A 254 -2.73 -2.74 30.32
C GLU A 254 -3.07 -1.38 29.74
N TYR A 255 -2.09 -0.49 29.72
CA TYR A 255 -2.34 0.86 29.25
C TYR A 255 -2.84 0.82 27.81
N CYS A 256 -3.93 1.54 27.56
CA CYS A 256 -4.50 1.64 26.22
C CYS A 256 -4.86 3.09 25.93
N PRO A 257 -4.23 3.73 24.93
CA PRO A 257 -4.50 5.14 24.62
C PRO A 257 -5.97 5.40 24.37
N ARG A 258 -6.34 6.65 24.61
CA ARG A 258 -7.75 7.02 24.72
C ARG A 258 -8.42 7.16 23.35
N GLU A 259 -7.65 7.62 22.36
CA GLU A 259 -8.16 7.65 21.00
C GLU A 259 -8.38 6.25 20.46
N ILE A 260 -7.60 5.26 20.93
CA ILE A 260 -7.85 3.90 20.45
C ILE A 260 -9.13 3.35 21.07
N ILE A 261 -9.41 3.70 22.33
CA ILE A 261 -10.73 3.38 22.87
C ILE A 261 -11.80 4.09 22.05
N SER A 262 -11.53 5.35 21.67
CA SER A 262 -12.50 6.11 20.88
C SER A 262 -12.74 5.45 19.53
N LEU A 263 -11.66 5.00 18.89
CA LEU A 263 -11.73 4.40 17.58
C LEU A 263 -12.52 3.11 17.62
N MET A 264 -12.27 2.27 18.63
CA MET A 264 -13.01 1.02 18.72
C MET A 264 -14.47 1.28 19.06
N LYS A 265 -14.76 2.28 19.91
CA LYS A 265 -16.16 2.61 20.22
C LYS A 265 -16.87 3.10 18.97
N LEU A 266 -16.17 3.86 18.13
CA LEU A 266 -16.74 4.34 16.87
C LEU A 266 -16.94 3.21 15.86
N CYS A 267 -15.96 2.30 15.75
CA CYS A 267 -16.04 1.24 14.74
C CYS A 267 -17.01 0.12 15.14
N TRP A 268 -17.35 -0.04 16.43
CA TRP A 268 -18.34 -1.07 16.72
C TRP A 268 -19.71 -0.46 17.01
N GLU A 269 -19.92 0.78 16.55
CA GLU A 269 -21.21 1.43 16.61
C GLU A 269 -22.29 0.54 16.03
N ALA A 270 -23.42 0.44 16.72
CA ALA A 270 -24.48 -0.45 16.25
C ALA A 270 -24.96 -0.10 14.84
N ASN A 271 -25.02 1.18 14.50
CA ASN A 271 -25.44 1.60 13.17
C ASN A 271 -24.26 1.55 12.19
N PRO A 272 -24.29 0.68 11.18
CA PRO A 272 -23.15 0.58 10.25
C PRO A 272 -22.76 1.88 9.57
N GLU A 273 -23.73 2.78 9.33
CA GLU A 273 -23.44 4.03 8.65
C GLU A 273 -22.58 4.96 9.50
N ALA A 274 -22.66 4.83 10.83
CA ALA A 274 -21.88 5.64 11.74
C ALA A 274 -20.41 5.23 11.80
N ARG A 275 -20.08 4.05 11.27
CA ARG A 275 -18.72 3.52 11.35
C ARG A 275 -17.86 4.17 10.28
N PRO A 276 -16.61 4.50 10.60
CA PRO A 276 -15.73 5.14 9.61
C PRO A 276 -15.36 4.17 8.50
N THR A 277 -14.64 4.66 7.51
CA THR A 277 -14.08 3.78 6.51
C THR A 277 -12.60 3.57 6.79
N PHE A 278 -12.03 2.59 6.10
CA PHE A 278 -10.64 2.33 6.41
C PHE A 278 -9.74 3.45 5.92
N PRO A 279 -10.00 4.06 4.75
CA PRO A 279 -9.23 5.28 4.42
C PRO A 279 -9.40 6.40 5.44
N GLY A 280 -10.61 6.58 5.99
CA GLY A 280 -10.79 7.55 7.05
C GLY A 280 -10.07 7.16 8.33
N ILE A 281 -10.16 5.88 8.71
CA ILE A 281 -9.42 5.42 9.88
C ILE A 281 -7.94 5.69 9.72
N GLU A 282 -7.40 5.43 8.53
CA GLU A 282 -5.97 5.61 8.30
C GLU A 282 -5.60 7.08 8.36
N GLU A 283 -6.43 7.93 7.77
CA GLU A 283 -6.20 9.36 7.86
C GLU A 283 -6.03 9.80 9.31
N LYS A 284 -6.94 9.35 10.19
CA LYS A 284 -6.80 9.72 11.60
C LYS A 284 -5.55 9.09 12.23
N PHE A 285 -5.33 7.79 12.00
CA PHE A 285 -4.48 7.02 12.89
C PHE A 285 -3.01 7.16 12.56
N ARG A 286 -2.66 7.26 11.27
CA ARG A 286 -1.23 7.27 10.93
C ARG A 286 -0.46 8.42 11.57
N PRO A 287 -0.92 9.69 11.50
CA PRO A 287 -0.16 10.73 12.20
C PRO A 287 -0.15 10.55 13.70
N PHE A 288 -1.27 10.07 14.25
CA PHE A 288 -1.30 9.81 15.69
C PHE A 288 -0.23 8.80 16.07
N TYR A 289 -0.16 7.70 15.31
CA TYR A 289 0.88 6.71 15.52
C TYR A 289 2.27 7.32 15.35
N LEU A 290 2.43 8.25 14.42
CA LEU A 290 3.76 8.83 14.20
C LEU A 290 4.19 9.70 15.38
N SER A 291 3.27 10.52 15.88
CA SER A 291 3.61 11.51 16.88
C SER A 291 3.62 10.96 18.29
N GLN A 292 2.85 9.89 18.59
CA GLN A 292 2.79 9.37 19.94
CA GLN A 292 2.77 9.35 19.94
C GLN A 292 3.15 7.89 20.08
N LEU A 293 3.59 7.22 19.01
CA LEU A 293 3.75 5.78 19.17
C LEU A 293 5.03 5.21 18.58
N GLU A 294 5.44 5.65 17.39
CA GLU A 294 6.57 5.06 16.67
C GLU A 294 7.85 5.30 17.44
N VAL B 9 -14.05 17.63 -6.53
CA VAL B 9 -12.96 18.32 -5.84
C VAL B 9 -13.51 19.20 -4.74
N ILE B 10 -12.61 19.68 -3.88
CA ILE B 10 -12.89 20.80 -3.01
C ILE B 10 -12.48 22.03 -3.78
N LYS B 11 -13.41 22.97 -3.91
CA LYS B 11 -13.19 24.23 -4.60
C LYS B 11 -12.86 25.29 -3.56
N MET B 12 -11.71 25.92 -3.72
CA MET B 12 -11.33 26.97 -2.78
C MET B 12 -11.40 28.32 -3.47
N LYS B 13 -11.45 29.35 -2.65
CA LYS B 13 -11.49 30.72 -3.12
C LYS B 13 -10.23 31.42 -2.67
N SER B 14 -9.79 32.42 -3.44
CA SER B 14 -8.64 33.20 -3.03
C SER B 14 -8.87 33.84 -1.67
N SER B 15 -10.12 34.20 -1.36
CA SER B 15 -10.49 34.79 -0.08
C SER B 15 -10.38 33.81 1.08
N ASP B 16 -10.21 32.52 0.80
CA ASP B 16 -9.97 31.53 1.86
C ASP B 16 -8.54 31.57 2.38
N PHE B 17 -7.65 32.32 1.74
CA PHE B 17 -6.23 32.32 2.07
C PHE B 17 -5.75 33.73 2.41
N LEU B 18 -4.81 33.80 3.36
CA LEU B 18 -4.22 35.07 3.77
C LEU B 18 -3.51 35.71 2.59
N GLU B 19 -3.61 37.03 2.50
CA GLU B 19 -3.06 37.76 1.38
C GLU B 19 -2.02 38.74 1.89
N GLY B 29 5.44 28.58 -12.89
CA GLY B 29 4.46 29.11 -11.95
C GLY B 29 5.00 29.34 -10.54
N LYS B 30 4.27 30.09 -9.72
CA LYS B 30 4.75 30.48 -8.40
C LYS B 30 4.22 29.49 -7.37
N VAL B 31 5.16 28.93 -6.61
CA VAL B 31 4.92 27.95 -5.56
C VAL B 31 5.17 28.64 -4.22
N SER B 32 4.14 28.72 -3.39
CA SER B 32 4.19 29.54 -2.19
C SER B 32 3.58 28.81 -1.02
N LEU B 33 3.97 29.26 0.16
CA LEU B 33 3.33 28.87 1.39
C LEU B 33 1.94 29.51 1.40
N ALA B 34 0.91 28.74 1.75
CA ALA B 34 -0.46 29.20 1.71
C ALA B 34 -1.12 28.98 3.07
N PHE B 35 -1.63 30.05 3.65
CA PHE B 35 -2.28 29.93 4.95
C PHE B 35 -3.79 30.02 4.71
N HIS B 36 -4.42 28.86 4.64
CA HIS B 36 -5.88 28.80 4.60
C HIS B 36 -6.43 29.30 5.92
N ARG B 37 -7.36 30.27 5.87
CA ARG B 37 -7.76 30.97 7.08
C ARG B 37 -8.37 30.06 8.13
N THR B 38 -8.91 28.89 7.76
CA THR B 38 -9.41 27.95 8.76
C THR B 38 -8.62 26.66 8.87
N GLN B 39 -8.05 26.15 7.78
CA GLN B 39 -7.36 24.86 7.78
C GLN B 39 -5.84 24.97 7.96
N GLY B 40 -5.28 26.16 7.85
CA GLY B 40 -3.86 26.27 8.10
C GLY B 40 -2.91 26.11 6.92
N LEU B 41 -1.72 25.65 7.22
CA LEU B 41 -0.66 25.52 6.24
C LEU B 41 -0.83 24.56 5.09
N MET B 42 -0.53 25.03 3.91
CA MET B 42 -0.68 24.31 2.68
C MET B 42 0.29 24.90 1.68
N ILE B 43 0.35 24.32 0.50
CA ILE B 43 1.18 24.80 -0.59
C ILE B 43 0.33 25.21 -1.74
N MET B 44 0.58 26.39 -2.27
CA MET B 44 -0.17 26.98 -3.39
C MET B 44 0.71 27.03 -4.62
N LYS B 45 0.26 26.45 -5.73
CA LYS B 45 0.90 26.66 -7.02
C LYS B 45 -0.10 27.36 -7.91
N THR B 46 0.16 28.61 -8.29
CA THR B 46 -0.74 29.29 -9.22
C THR B 46 -0.29 29.03 -10.66
N VAL B 47 -1.12 28.28 -11.38
CA VAL B 47 -0.77 27.75 -12.69
C VAL B 47 -0.94 28.79 -13.79
N TYR B 48 -2.00 29.59 -13.72
CA TYR B 48 -2.33 30.51 -14.81
C TYR B 48 -3.05 31.73 -14.26
N LYS B 49 -2.59 32.93 -14.65
CA LYS B 49 -3.28 34.18 -14.36
C LYS B 49 -3.35 35.02 -15.65
N GLY B 50 -4.54 35.12 -16.25
CA GLY B 50 -4.70 35.89 -17.48
C GLY B 50 -6.15 36.14 -17.88
N PRO B 51 -6.37 36.62 -19.11
CA PRO B 51 -7.75 36.70 -19.63
C PRO B 51 -8.32 35.31 -19.88
N ASN B 52 -9.64 35.23 -19.84
CA ASN B 52 -10.36 33.98 -19.60
C ASN B 52 -10.11 32.92 -20.68
N CYS B 53 -10.55 31.71 -20.34
CA CYS B 53 -10.54 30.53 -21.20
C CYS B 53 -11.56 29.53 -20.64
N ILE B 54 -12.81 29.99 -20.53
CA ILE B 54 -13.86 29.17 -19.93
C ILE B 54 -14.03 27.84 -20.65
N GLU B 55 -13.78 27.81 -21.97
CA GLU B 55 -13.98 26.59 -22.74
C GLU B 55 -13.16 25.41 -22.21
N HIS B 56 -12.17 25.70 -21.35
CA HIS B 56 -11.23 24.66 -20.84
C HIS B 56 -11.63 24.10 -19.47
N ASN B 57 -12.30 24.92 -18.66
CA ASN B 57 -12.71 24.59 -17.27
C ASN B 57 -13.22 23.15 -17.11
N GLU B 58 -14.12 22.69 -17.98
CA GLU B 58 -14.73 21.35 -17.79
C GLU B 58 -13.65 20.28 -17.73
N ALA B 59 -12.71 20.31 -18.65
CA ALA B 59 -11.67 19.26 -18.67
C ALA B 59 -10.73 19.45 -17.47
N LEU B 60 -10.45 20.68 -17.10
CA LEU B 60 -9.53 20.98 -15.97
C LEU B 60 -10.14 20.48 -14.67
N LEU B 61 -11.44 20.70 -14.48
CA LEU B 61 -12.09 20.24 -13.24
C LEU B 61 -12.19 18.72 -13.26
N GLU B 62 -12.33 18.09 -14.41
CA GLU B 62 -12.32 16.64 -14.40
C GLU B 62 -10.96 16.11 -13.98
N GLU B 63 -9.89 16.62 -14.61
CA GLU B 63 -8.56 16.14 -14.26
C GLU B 63 -8.26 16.43 -12.79
N ALA B 64 -8.79 17.56 -12.27
CA ALA B 64 -8.63 17.88 -10.86
C ALA B 64 -9.27 16.81 -9.99
N LYS B 65 -10.49 16.39 -10.32
CA LYS B 65 -11.10 15.28 -9.59
C LYS B 65 -10.19 14.07 -9.64
N MET B 66 -9.63 13.77 -10.82
CA MET B 66 -8.72 12.64 -10.90
C MET B 66 -7.54 12.86 -9.97
N MET B 67 -6.96 14.07 -10.01
CA MET B 67 -5.92 14.44 -9.06
C MET B 67 -6.37 14.16 -7.63
N ASN B 68 -7.59 14.58 -7.29
CA ASN B 68 -8.13 14.43 -5.95
C ASN B 68 -8.23 12.96 -5.53
N ARG B 69 -8.39 12.05 -6.49
CA ARG B 69 -8.57 10.66 -6.12
C ARG B 69 -7.25 9.94 -5.79
N LEU B 70 -6.10 10.56 -6.02
CA LEU B 70 -4.81 9.93 -5.69
C LEU B 70 -4.54 10.09 -4.21
N ARG B 71 -4.74 9.01 -3.45
CA ARG B 71 -4.78 9.02 -1.98
C ARG B 71 -3.85 7.95 -1.46
N HIS B 72 -2.64 8.34 -1.10
CA HIS B 72 -1.63 7.40 -0.67
C HIS B 72 -0.65 8.16 0.21
N SER B 73 -0.05 7.46 1.17
CA SER B 73 0.87 8.12 2.10
C SER B 73 2.17 8.54 1.44
N ARG B 74 2.47 8.01 0.27
CA ARG B 74 3.69 8.38 -0.46
C ARG B 74 3.35 9.20 -1.68
N VAL B 75 2.20 9.81 -1.68
CA VAL B 75 1.83 10.64 -2.76
C VAL B 75 1.33 11.91 -2.17
N VAL B 76 1.70 13.01 -2.77
CA VAL B 76 1.26 14.32 -2.32
C VAL B 76 -0.19 14.51 -2.68
N LYS B 77 -0.93 14.92 -1.69
CA LYS B 77 -2.36 15.14 -1.78
C LYS B 77 -2.79 16.49 -2.22
N LEU B 78 -3.71 16.54 -3.14
CA LEU B 78 -4.24 17.77 -3.61
C LEU B 78 -5.38 18.23 -2.71
N LEU B 79 -5.16 19.23 -1.90
CA LEU B 79 -6.18 19.73 -1.03
C LEU B 79 -7.34 20.45 -1.69
N GLY B 80 -7.07 21.28 -2.67
CA GLY B 80 -8.12 22.00 -3.36
C GLY B 80 -7.68 22.56 -4.69
N VAL B 81 -8.67 23.03 -5.45
CA VAL B 81 -8.44 23.79 -6.68
C VAL B 81 -9.13 25.14 -6.55
N ILE B 82 -8.48 26.17 -7.03
CA ILE B 82 -9.09 27.48 -7.18
C ILE B 82 -9.28 27.70 -8.68
N ILE B 83 -10.53 27.67 -9.12
CA ILE B 83 -10.93 27.88 -10.49
C ILE B 83 -11.70 29.18 -10.53
N GLU B 84 -11.06 30.24 -11.02
CA GLU B 84 -11.66 31.55 -11.07
C GLU B 84 -11.32 32.15 -12.43
N GLU B 85 -12.08 33.15 -12.83
CA GLU B 85 -11.92 33.75 -14.16
C GLU B 85 -10.47 34.20 -14.35
N GLY B 86 -9.75 33.46 -15.19
CA GLY B 86 -8.38 33.82 -15.48
C GLY B 86 -7.34 33.55 -14.43
N LYS B 87 -7.71 32.80 -13.39
CA LYS B 87 -6.77 32.48 -12.30
C LYS B 87 -6.96 31.00 -11.95
N TYR B 88 -5.93 30.19 -12.21
CA TYR B 88 -6.00 28.73 -11.91
C TYR B 88 -4.93 28.40 -10.86
N SER B 89 -5.35 27.84 -9.72
CA SER B 89 -4.37 27.52 -8.66
C SER B 89 -4.58 26.10 -8.14
N LEU B 90 -3.51 25.44 -7.73
CA LEU B 90 -3.65 24.10 -7.13
C LEU B 90 -3.15 24.17 -5.68
N VAL B 91 -3.83 23.51 -4.76
CA VAL B 91 -3.48 23.61 -3.35
C VAL B 91 -3.20 22.22 -2.83
N MET B 92 -2.01 22.04 -2.25
CA MET B 92 -1.39 20.77 -1.92
C MET B 92 -0.99 20.71 -0.45
N GLU B 93 -0.77 19.50 0.04
CA GLU B 93 -0.30 19.35 1.41
C GLU B 93 1.16 19.75 1.55
N TYR B 94 1.48 20.34 2.70
CA TYR B 94 2.79 20.90 2.95
C TYR B 94 3.76 19.83 3.39
N MET B 95 4.96 19.88 2.83
CA MET B 95 6.05 18.99 3.20
C MET B 95 7.15 19.85 3.83
N GLU B 96 7.51 19.54 5.08
CA GLU B 96 8.37 20.45 5.83
C GLU B 96 9.77 20.56 5.23
N LYS B 97 10.41 19.45 4.92
CA LYS B 97 11.84 19.49 4.65
C LYS B 97 12.17 19.68 3.18
N GLY B 98 11.21 19.91 2.31
CA GLY B 98 11.54 20.12 0.91
C GLY B 98 11.88 18.86 0.13
N ASN B 99 12.62 19.04 -0.97
CA ASN B 99 12.83 17.94 -1.89
C ASN B 99 14.05 17.09 -1.49
N LEU B 100 14.14 15.93 -2.13
CA LEU B 100 15.12 14.92 -1.76
C LEU B 100 16.55 15.40 -1.96
N MET B 101 16.83 16.09 -3.08
CA MET B 101 18.19 16.55 -3.31
C MET B 101 18.65 17.45 -2.17
N HIS B 102 17.81 18.40 -1.79
CA HIS B 102 18.16 19.32 -0.70
C HIS B 102 18.47 18.57 0.60
N VAL B 103 17.67 17.56 0.93
CA VAL B 103 17.91 16.81 2.15
C VAL B 103 19.18 15.96 2.03
N LEU B 104 19.47 15.46 0.83
CA LEU B 104 20.67 14.66 0.62
C LEU B 104 21.93 15.49 0.77
N LYS B 105 21.96 16.64 0.13
CA LYS B 105 23.09 17.56 0.18
C LYS B 105 23.16 18.35 1.46
N ALA B 106 22.29 18.06 2.43
CA ALA B 106 22.28 18.85 3.65
C ALA B 106 23.59 18.66 4.43
N GLU B 107 23.83 19.58 5.37
CA GLU B 107 25.00 19.54 6.23
C GLU B 107 25.09 18.29 7.09
N MET B 108 23.99 17.60 7.33
CA MET B 108 24.00 16.34 8.05
C MET B 108 23.83 15.17 7.09
N SER B 109 23.94 13.97 7.64
CA SER B 109 23.98 12.76 6.82
C SER B 109 22.75 11.90 7.07
N THR B 110 22.53 10.98 6.15
CA THR B 110 21.41 10.06 6.18
C THR B 110 21.94 8.65 6.31
N PRO B 111 21.69 7.95 7.40
CA PRO B 111 22.18 6.57 7.50
C PRO B 111 21.67 5.76 6.30
N LEU B 112 22.42 4.72 5.96
CA LEU B 112 21.98 3.83 4.90
C LEU B 112 20.58 3.30 5.16
N SER B 113 20.19 3.14 6.42
CA SER B 113 18.86 2.62 6.70
C SER B 113 17.76 3.60 6.26
N VAL B 114 17.98 4.90 6.48
CA VAL B 114 16.99 5.88 6.07
C VAL B 114 16.90 5.96 4.55
N LYS B 115 18.04 5.85 3.87
CA LYS B 115 18.03 5.83 2.41
C LYS B 115 17.31 4.60 1.88
N GLY B 116 17.50 3.45 2.53
CA GLY B 116 16.78 2.27 2.12
C GLY B 116 15.30 2.45 2.28
N ARG B 117 14.89 3.06 3.40
CA ARG B 117 13.47 3.26 3.61
C ARG B 117 12.88 4.24 2.60
N ILE B 118 13.61 5.33 2.31
CA ILE B 118 13.18 6.30 1.31
C ILE B 118 12.94 5.59 -0.02
N ILE B 119 13.90 4.76 -0.43
CA ILE B 119 13.79 4.08 -1.72
C ILE B 119 12.55 3.20 -1.75
N LEU B 120 12.31 2.47 -0.66
CA LEU B 120 11.11 1.64 -0.62
C LEU B 120 9.84 2.50 -0.70
N GLU B 121 9.84 3.65 -0.04
CA GLU B 121 8.66 4.52 -0.10
C GLU B 121 8.43 5.08 -1.50
N ILE B 122 9.52 5.40 -2.22
CA ILE B 122 9.38 5.85 -3.61
C ILE B 122 8.76 4.73 -4.46
N ILE B 123 9.26 3.50 -4.30
CA ILE B 123 8.68 2.36 -5.01
C ILE B 123 7.17 2.22 -4.70
N GLU B 124 6.79 2.34 -3.43
CA GLU B 124 5.37 2.17 -3.08
C GLU B 124 4.51 3.23 -3.75
N GLY B 125 4.95 4.50 -3.71
CA GLY B 125 4.20 5.57 -4.35
C GLY B 125 4.12 5.41 -5.86
N MET B 126 5.22 5.03 -6.49
CA MET B 126 5.19 4.85 -7.94
C MET B 126 4.27 3.69 -8.32
N ALA B 127 4.29 2.62 -7.54
CA ALA B 127 3.38 1.51 -7.82
C ALA B 127 1.93 1.95 -7.66
N TYR B 128 1.63 2.73 -6.63
CA TYR B 128 0.25 3.24 -6.47
C TYR B 128 -0.16 4.09 -7.67
N LEU B 129 0.70 5.04 -8.06
CA LEU B 129 0.41 5.88 -9.22
C LEU B 129 0.20 5.05 -10.49
N HIS B 130 0.99 4.00 -10.69
CA HIS B 130 0.80 3.18 -11.89
C HIS B 130 -0.48 2.37 -11.79
N GLY B 131 -0.84 1.96 -10.58
CA GLY B 131 -2.08 1.23 -10.39
C GLY B 131 -3.32 2.07 -10.58
N LYS B 132 -3.21 3.39 -10.47
CA LYS B 132 -4.31 4.28 -10.77
C LYS B 132 -4.25 4.83 -12.20
N GLY B 133 -3.41 4.27 -13.06
CA GLY B 133 -3.29 4.68 -14.45
C GLY B 133 -2.55 5.98 -14.69
N VAL B 134 -1.73 6.44 -13.75
CA VAL B 134 -0.97 7.68 -13.88
C VAL B 134 0.44 7.33 -14.30
N ILE B 135 0.90 7.89 -15.40
CA ILE B 135 2.32 7.83 -15.73
C ILE B 135 2.89 9.18 -15.40
N HIS B 136 3.83 9.20 -14.44
CA HIS B 136 4.29 10.47 -13.91
C HIS B 136 4.89 11.33 -15.01
N LYS B 137 5.81 10.75 -15.79
CA LYS B 137 6.54 11.32 -16.92
C LYS B 137 7.74 12.18 -16.50
N ASP B 138 7.91 12.51 -15.21
CA ASP B 138 9.00 13.40 -14.81
C ASP B 138 9.50 13.06 -13.40
N LEU B 139 9.58 11.80 -13.06
CA LEU B 139 10.09 11.46 -11.75
C LEU B 139 11.53 11.88 -11.67
N LYS B 140 11.88 12.57 -10.60
CA LYS B 140 13.19 13.15 -10.43
C LYS B 140 13.28 13.63 -9.00
N PRO B 141 14.50 13.89 -8.50
CA PRO B 141 14.63 14.29 -7.08
C PRO B 141 13.91 15.57 -6.70
N GLU B 142 13.68 16.48 -7.66
CA GLU B 142 12.94 17.72 -7.36
C GLU B 142 11.50 17.41 -6.99
N ASN B 143 11.01 16.24 -7.41
CA ASN B 143 9.64 15.79 -7.26
C ASN B 143 9.47 14.73 -6.17
N ILE B 144 10.43 14.61 -5.27
CA ILE B 144 10.33 13.69 -4.15
C ILE B 144 10.49 14.53 -2.88
N LEU B 145 9.39 14.75 -2.16
CA LEU B 145 9.38 15.66 -1.02
C LEU B 145 9.53 14.86 0.27
N VAL B 146 10.14 15.51 1.27
CA VAL B 146 10.51 14.85 2.53
C VAL B 146 9.84 15.58 3.69
N ASP B 147 9.14 14.83 4.53
CA ASP B 147 8.56 15.45 5.71
C ASP B 147 9.57 15.47 6.87
N ASN B 148 9.13 15.99 8.00
CA ASN B 148 10.02 16.24 9.12
C ASN B 148 10.60 14.97 9.74
N ASP B 149 9.93 13.84 9.55
CA ASP B 149 10.36 12.53 10.03
C ASP B 149 11.19 11.75 9.00
N PHE B 150 11.59 12.37 7.90
CA PHE B 150 12.32 11.74 6.80
C PHE B 150 11.49 10.74 6.00
N HIS B 151 10.17 10.84 6.01
CA HIS B 151 9.35 10.09 5.07
C HIS B 151 9.11 10.94 3.80
N ILE B 152 8.89 10.26 2.68
CA ILE B 152 8.75 10.93 1.39
C ILE B 152 7.33 10.83 0.82
N LYS B 153 7.05 11.76 -0.10
CA LYS B 153 5.85 11.78 -0.91
C LYS B 153 6.24 12.22 -2.32
N ILE B 154 5.64 11.59 -3.33
CA ILE B 154 5.93 11.93 -4.72
C ILE B 154 5.01 13.07 -5.17
N ALA B 155 5.60 14.01 -5.89
CA ALA B 155 4.94 15.25 -6.25
C ALA B 155 5.09 15.44 -7.75
N ASP B 156 4.34 16.41 -8.28
CA ASP B 156 4.40 16.77 -9.70
C ASP B 156 4.47 18.30 -9.81
N LEU B 157 5.62 18.86 -9.44
CA LEU B 157 5.74 20.32 -9.40
C LEU B 157 5.58 20.95 -10.78
N GLY B 158 6.01 20.24 -11.83
CA GLY B 158 5.97 20.72 -13.20
C GLY B 158 4.71 20.44 -13.99
N LEU B 159 3.68 19.87 -13.35
CA LEU B 159 2.41 19.57 -14.00
C LEU B 159 2.58 18.62 -15.19
N ALA B 160 3.54 17.71 -15.12
CA ALA B 160 3.80 16.81 -16.24
C ALA B 160 2.78 15.69 -16.35
N SER B 161 2.13 15.30 -15.24
CA SER B 161 1.40 14.03 -15.27
C SER B 161 0.03 14.10 -15.92
N PHE B 162 -0.64 15.24 -15.84
CA PHE B 162 -2.01 15.39 -16.29
C PHE B 162 -2.05 16.41 -17.42
N LYS B 163 -2.59 15.99 -18.56
CA LYS B 163 -2.32 16.69 -19.81
C LYS B 163 -2.93 18.09 -19.86
N MET B 164 -4.18 18.28 -19.42
CA MET B 164 -4.77 19.60 -19.64
C MET B 164 -4.23 20.66 -18.69
N TRP B 165 -3.99 20.30 -17.43
CA TRP B 165 -3.27 21.20 -16.55
C TRP B 165 -1.87 21.44 -17.05
N SER B 166 -1.26 20.42 -17.66
CA SER B 166 0.07 20.58 -18.24
C SER B 166 0.07 21.62 -19.35
N LYS B 167 -0.93 21.57 -20.24
CA LYS B 167 -1.03 22.55 -21.31
C LYS B 167 -1.29 23.96 -20.76
N LEU B 168 -2.31 24.08 -19.89
CA LEU B 168 -2.64 25.37 -19.26
C LEU B 168 -1.41 26.01 -18.63
N ASN B 169 -0.56 25.20 -18.01
CA ASN B 169 0.64 25.73 -17.39
C ASN B 169 1.53 26.38 -18.42
N ASN B 170 1.52 25.87 -19.64
CA ASN B 170 2.42 26.35 -20.68
C ASN B 170 1.82 27.49 -21.52
N GLU B 171 0.50 27.65 -21.55
CA GLU B 171 -0.14 28.69 -22.38
C GLU B 171 0.38 30.09 -22.04
N GLY B 188 14.64 22.63 -16.35
CA GLY B 188 14.09 21.55 -17.14
C GLY B 188 15.09 20.44 -17.41
N THR B 189 15.44 19.71 -16.35
CA THR B 189 16.48 18.70 -16.44
C THR B 189 16.04 17.53 -17.31
N LEU B 190 17.02 16.96 -18.01
CA LEU B 190 16.84 15.84 -18.90
C LEU B 190 17.57 14.62 -18.38
N TYR B 191 18.19 14.74 -17.19
CA TYR B 191 19.08 13.71 -16.68
C TYR B 191 18.35 12.44 -16.30
N TYR B 192 17.04 12.51 -16.14
CA TYR B 192 16.22 11.38 -15.69
C TYR B 192 15.28 10.88 -16.78
N MET B 193 15.44 11.40 -18.00
CA MET B 193 14.58 11.09 -19.14
C MET B 193 15.06 9.83 -19.85
N ALA B 194 14.18 8.85 -19.95
CA ALA B 194 14.54 7.61 -20.61
C ALA B 194 15.04 7.90 -22.02
N PRO B 195 16.06 7.17 -22.51
CA PRO B 195 16.66 7.53 -23.80
C PRO B 195 15.69 7.50 -24.97
N GLU B 196 14.59 6.76 -24.85
CA GLU B 196 13.57 6.70 -25.89
C GLU B 196 12.82 8.03 -26.06
N HIS B 197 12.84 8.90 -25.06
CA HIS B 197 12.23 10.23 -25.20
C HIS B 197 13.25 11.30 -25.53
N LEU B 198 14.54 10.97 -25.52
CA LEU B 198 15.56 11.91 -25.94
C LEU B 198 15.49 12.07 -27.44
N ASN B 199 15.44 13.32 -27.90
CA ASN B 199 15.34 13.64 -29.32
C ASN B 199 14.16 12.97 -29.99
N ASP B 200 13.11 12.63 -29.24
CA ASP B 200 11.90 12.06 -29.84
C ASP B 200 10.71 12.42 -28.96
N VAL B 201 10.08 13.56 -29.27
CA VAL B 201 8.96 14.04 -28.46
C VAL B 201 7.63 13.40 -28.82
N ASN B 202 7.60 12.50 -29.79
CA ASN B 202 6.31 11.97 -30.22
C ASN B 202 6.02 10.59 -29.64
N ALA B 203 7.04 9.78 -29.33
CA ALA B 203 6.77 8.48 -28.74
C ALA B 203 6.04 8.66 -27.41
N LYS B 204 4.98 7.87 -27.21
CA LYS B 204 4.18 7.95 -26.00
C LYS B 204 4.95 7.35 -24.82
N PRO B 205 4.92 7.97 -23.66
CA PRO B 205 5.65 7.41 -22.51
C PRO B 205 4.87 6.29 -21.84
N THR B 206 5.61 5.38 -21.22
CA THR B 206 5.06 4.20 -20.59
C THR B 206 5.50 4.18 -19.14
N GLU B 207 5.00 3.20 -18.39
CA GLU B 207 5.48 2.96 -17.04
C GLU B 207 7.00 2.76 -17.00
N LYS B 208 7.56 2.21 -18.08
CA LYS B 208 9.00 1.99 -18.15
C LYS B 208 9.78 3.30 -18.19
N SER B 209 9.15 4.37 -18.69
CA SER B 209 9.74 5.70 -18.63
C SER B 209 10.06 6.07 -17.18
N ASP B 210 9.07 5.90 -16.30
CA ASP B 210 9.29 6.22 -14.89
C ASP B 210 10.29 5.26 -14.26
N VAL B 211 10.30 4.00 -14.69
CA VAL B 211 11.27 3.08 -14.11
C VAL B 211 12.69 3.56 -14.40
N TYR B 212 12.95 4.03 -15.63
CA TYR B 212 14.25 4.63 -15.93
C TYR B 212 14.55 5.82 -15.02
N SER B 213 13.59 6.74 -14.90
CA SER B 213 13.79 7.90 -14.04
C SER B 213 14.19 7.44 -12.64
N PHE B 214 13.47 6.45 -12.12
CA PHE B 214 13.72 5.93 -10.78
C PHE B 214 15.14 5.40 -10.66
N ALA B 215 15.64 4.75 -11.71
CA ALA B 215 17.01 4.23 -11.66
C ALA B 215 18.01 5.36 -11.48
N VAL B 216 17.80 6.45 -12.22
CA VAL B 216 18.70 7.58 -12.03
C VAL B 216 18.51 8.16 -10.64
N VAL B 217 17.28 8.13 -10.12
CA VAL B 217 17.04 8.61 -8.77
C VAL B 217 17.83 7.77 -7.76
N LEU B 218 17.92 6.46 -7.97
CA LEU B 218 18.72 5.61 -7.09
C LEU B 218 20.17 6.07 -7.09
N TRP B 219 20.76 6.17 -8.27
CA TRP B 219 22.13 6.66 -8.35
C TRP B 219 22.27 7.99 -7.60
N ALA B 220 21.41 8.95 -7.90
CA ALA B 220 21.55 10.26 -7.27
C ALA B 220 21.43 10.17 -5.76
N ILE B 221 20.60 9.24 -5.26
CA ILE B 221 20.44 9.11 -3.82
C ILE B 221 21.76 8.76 -3.20
N PHE B 222 22.50 7.88 -3.86
CA PHE B 222 23.77 7.47 -3.27
C PHE B 222 24.95 8.36 -3.64
N ALA B 223 24.77 9.35 -4.49
CA ALA B 223 25.86 10.21 -4.81
C ALA B 223 25.73 11.56 -4.21
N ASN B 224 24.55 11.90 -3.77
CA ASN B 224 24.26 13.18 -3.19
C ASN B 224 24.63 14.27 -4.13
N LYS B 225 24.42 14.02 -5.39
CA LYS B 225 24.68 14.99 -6.42
C LYS B 225 23.98 14.57 -7.68
N GLU B 226 23.87 15.50 -8.61
CA GLU B 226 23.29 15.27 -9.90
C GLU B 226 24.24 14.46 -10.75
N PRO B 227 23.70 13.61 -11.60
CA PRO B 227 24.52 12.76 -12.43
C PRO B 227 25.24 13.59 -13.45
N TYR B 228 26.18 12.96 -14.16
CA TYR B 228 27.01 13.60 -15.21
C TYR B 228 27.80 14.73 -14.57
N GLU B 229 28.74 14.34 -13.69
CA GLU B 229 29.66 15.19 -12.85
C GLU B 229 29.86 16.61 -13.38
N ASN B 230 30.24 16.80 -14.65
CA ASN B 230 30.34 18.14 -15.29
C ASN B 230 29.09 18.98 -14.97
N ALA B 231 27.89 18.39 -15.18
CA ALA B 231 26.55 18.93 -14.93
C ALA B 231 26.21 19.99 -15.98
N ILE B 232 26.48 19.68 -17.24
CA ILE B 232 26.06 20.55 -18.38
C ILE B 232 25.18 19.66 -19.27
N ALA B 233 24.16 20.23 -19.90
CA ALA B 233 23.22 19.45 -20.72
C ALA B 233 23.34 19.95 -22.14
N GLU B 234 23.38 19.04 -23.10
CA GLU B 234 23.51 19.43 -24.51
C GLU B 234 23.40 18.23 -25.47
N GLN B 235 23.72 18.45 -26.74
CA GLN B 235 23.61 17.36 -27.70
C GLN B 235 24.68 16.30 -27.51
N GLN B 236 25.87 16.68 -27.02
CA GLN B 236 26.89 15.68 -26.72
C GLN B 236 26.35 14.64 -25.75
N LEU B 237 25.82 15.12 -24.63
CA LEU B 237 25.34 14.21 -23.59
C LEU B 237 24.08 13.46 -24.01
N ILE B 238 23.16 14.13 -24.72
CA ILE B 238 21.94 13.44 -25.17
C ILE B 238 22.32 12.27 -26.05
N MET B 239 23.20 12.51 -27.01
CA MET B 239 23.58 11.43 -27.91
C MET B 239 24.37 10.36 -27.15
N ALA B 240 25.19 10.77 -26.18
CA ALA B 240 25.91 9.77 -25.39
C ALA B 240 24.95 8.85 -24.63
N ILE B 241 23.92 9.46 -24.00
CA ILE B 241 22.94 8.69 -23.23
C ILE B 241 22.10 7.80 -24.14
N LYS B 242 21.67 8.32 -25.30
CA LYS B 242 20.92 7.47 -26.22
C LYS B 242 21.73 6.24 -26.63
N SER B 243 23.05 6.34 -26.66
CA SER B 243 23.91 5.22 -27.03
C SER B 243 24.31 4.33 -25.88
N GLY B 244 23.84 4.60 -24.66
CA GLY B 244 24.12 3.72 -23.54
C GLY B 244 24.85 4.35 -22.37
N ASN B 245 25.34 5.59 -22.49
CA ASN B 245 26.00 6.23 -21.36
C ASN B 245 25.01 6.36 -20.20
N ARG B 246 25.50 6.14 -18.99
CA ARG B 246 24.73 6.22 -17.76
C ARG B 246 25.54 6.99 -16.72
N PRO B 247 24.90 7.41 -15.61
CA PRO B 247 25.67 8.10 -14.56
C PRO B 247 26.79 7.19 -14.06
N ASP B 248 27.88 7.81 -13.65
CA ASP B 248 29.10 7.06 -13.39
C ASP B 248 28.97 6.30 -12.09
N VAL B 249 28.87 4.97 -12.18
CA VAL B 249 28.72 4.15 -10.99
C VAL B 249 29.95 4.26 -10.12
N ASP B 250 31.03 4.76 -10.67
CA ASP B 250 32.22 4.91 -9.87
C ASP B 250 32.30 6.28 -9.27
N ASP B 251 31.27 7.07 -9.50
CA ASP B 251 31.22 8.39 -8.94
C ASP B 251 30.59 8.34 -7.59
N ILE B 252 30.26 7.13 -7.12
CA ILE B 252 29.72 6.99 -5.81
C ILE B 252 30.92 7.04 -4.94
N THR B 253 30.92 8.02 -4.06
CA THR B 253 31.98 8.26 -3.10
C THR B 253 31.52 7.92 -1.68
N GLU B 254 30.27 7.52 -1.52
CA GLU B 254 29.78 6.93 -0.29
C GLU B 254 29.44 5.48 -0.57
N TYR B 255 29.35 4.69 0.50
CA TYR B 255 29.03 3.28 0.34
C TYR B 255 27.64 3.08 -0.26
N CYS B 256 27.55 2.16 -1.23
CA CYS B 256 26.26 1.79 -1.83
C CYS B 256 26.15 0.28 -1.93
N PRO B 257 25.13 -0.34 -1.32
CA PRO B 257 24.99 -1.81 -1.41
C PRO B 257 24.97 -2.32 -2.84
N ARG B 258 25.56 -3.50 -3.02
CA ARG B 258 25.65 -4.12 -4.34
C ARG B 258 24.29 -4.32 -4.99
N GLU B 259 23.34 -4.93 -4.26
CA GLU B 259 22.05 -5.26 -4.85
C GLU B 259 21.35 -4.02 -5.41
N ILE B 260 21.61 -2.86 -4.81
CA ILE B 260 21.02 -1.61 -5.30
C ILE B 260 21.67 -1.18 -6.61
N ILE B 261 22.98 -1.35 -6.73
CA ILE B 261 23.68 -1.09 -8.00
C ILE B 261 23.15 -2.01 -9.09
N SER B 262 22.90 -3.29 -8.75
CA SER B 262 22.30 -4.19 -9.73
C SER B 262 20.92 -3.70 -10.13
N LEU B 263 20.13 -3.23 -9.15
CA LEU B 263 18.78 -2.79 -9.41
C LEU B 263 18.73 -1.56 -10.30
N MET B 264 19.60 -0.59 -10.04
CA MET B 264 19.65 0.59 -10.88
C MET B 264 20.18 0.25 -12.27
N LYS B 265 21.18 -0.65 -12.38
CA LYS B 265 21.69 -1.05 -13.70
C LYS B 265 20.60 -1.72 -14.50
N LEU B 266 19.78 -2.53 -13.84
CA LEU B 266 18.68 -3.19 -14.53
C LEU B 266 17.62 -2.19 -14.95
N CYS B 267 17.33 -1.22 -14.08
CA CYS B 267 16.23 -0.31 -14.34
C CYS B 267 16.54 0.75 -15.38
N TRP B 268 17.82 1.03 -15.67
CA TRP B 268 18.14 1.99 -16.72
C TRP B 268 18.62 1.33 -18.00
N GLU B 269 18.27 0.06 -18.21
CA GLU B 269 18.47 -0.58 -19.50
C GLU B 269 17.86 0.26 -20.62
N ALA B 270 18.63 0.43 -21.71
CA ALA B 270 18.14 1.16 -22.87
C ALA B 270 16.84 0.56 -23.44
N ASN B 271 16.69 -0.77 -23.35
CA ASN B 271 15.50 -1.45 -23.83
C ASN B 271 14.37 -1.37 -22.81
N PRO B 272 13.30 -0.62 -23.11
CA PRO B 272 12.21 -0.46 -22.12
C PRO B 272 11.63 -1.78 -21.66
N GLU B 273 11.65 -2.79 -22.53
CA GLU B 273 11.09 -4.09 -22.20
C GLU B 273 11.92 -4.80 -21.14
N ALA B 274 13.22 -4.54 -21.10
CA ALA B 274 14.11 -5.18 -20.14
C ALA B 274 13.98 -4.61 -18.72
N ARG B 275 13.29 -3.47 -18.54
CA ARG B 275 13.17 -2.85 -17.21
C ARG B 275 12.00 -3.46 -16.45
N PRO B 276 12.14 -3.64 -15.13
CA PRO B 276 11.06 -4.27 -14.35
C PRO B 276 9.85 -3.38 -14.20
N THR B 277 8.78 -3.87 -13.58
CA THR B 277 7.68 -3.00 -13.17
C THR B 277 7.86 -2.65 -11.71
N PHE B 278 7.14 -1.62 -11.25
CA PHE B 278 7.39 -1.24 -9.87
C PHE B 278 6.92 -2.34 -8.90
N PRO B 279 5.79 -3.03 -9.14
CA PRO B 279 5.48 -4.17 -8.26
C PRO B 279 6.55 -5.25 -8.28
N GLY B 280 7.18 -5.49 -9.42
CA GLY B 280 8.30 -6.43 -9.42
C GLY B 280 9.47 -5.91 -8.61
N ILE B 281 9.80 -4.63 -8.77
CA ILE B 281 10.83 -4.02 -7.94
C ILE B 281 10.50 -4.18 -6.47
N GLU B 282 9.22 -4.01 -6.09
CA GLU B 282 8.87 -4.06 -4.68
C GLU B 282 9.03 -5.47 -4.13
N GLU B 283 8.54 -6.48 -4.87
CA GLU B 283 8.72 -7.88 -4.47
C GLU B 283 10.19 -8.24 -4.32
N LYS B 284 11.09 -7.57 -5.06
CA LYS B 284 12.53 -7.79 -4.84
C LYS B 284 13.07 -7.01 -3.63
N PHE B 285 12.73 -5.73 -3.53
CA PHE B 285 13.44 -4.79 -2.67
C PHE B 285 12.93 -4.82 -1.23
N ARG B 286 11.62 -4.97 -1.01
CA ARG B 286 11.12 -4.95 0.37
C ARG B 286 11.75 -6.04 1.23
N PRO B 287 11.83 -7.30 0.82
CA PRO B 287 12.52 -8.28 1.67
C PRO B 287 14.01 -7.98 1.85
N PHE B 288 14.70 -7.48 0.82
CA PHE B 288 16.09 -7.06 0.99
C PHE B 288 16.22 -5.93 1.99
N TYR B 289 15.38 -4.88 1.84
CA TYR B 289 15.40 -3.81 2.82
C TYR B 289 15.11 -4.33 4.24
N LEU B 290 14.18 -5.29 4.34
CA LEU B 290 13.83 -5.83 5.65
C LEU B 290 15.00 -6.59 6.28
N SER B 291 15.68 -7.40 5.47
CA SER B 291 16.70 -8.29 6.01
C SER B 291 18.07 -7.64 6.14
N GLN B 292 18.39 -6.64 5.34
CA GLN B 292 19.72 -6.06 5.40
CA GLN B 292 19.72 -6.05 5.36
C GLN B 292 19.76 -4.60 5.81
N LEU B 293 18.64 -3.90 5.75
CA LEU B 293 18.62 -2.46 5.98
C LEU B 293 17.81 -2.05 7.19
N GLU B 294 16.62 -2.61 7.39
CA GLU B 294 15.82 -2.26 8.55
C GLU B 294 16.47 -2.92 9.77
C10 3CI C . -1.58 -19.79 7.13
C13 3CI C . 0.47 -18.30 5.99
C15 3CI C . -3.75 -20.51 5.36
C17 3CI C . -5.41 -19.79 3.71
C20 3CI C . -6.53 -18.63 2.21
C21 3CI C . -5.43 -17.89 2.59
C22 3CI C . -5.04 -16.50 2.09
C26 3CI C . -6.02 -13.80 0.78
C28 3CI C . -8.25 -12.94 0.53
C1 3CI C . 0.94 -22.49 12.92
C2 3CI C . 0.83 -21.50 11.76
C3 3CI C . 2.17 -20.81 11.45
C6 3CI C . 1.46 -19.71 9.12
C9 3CI C . -0.30 -19.63 7.76
C11 3CI C . -1.82 -19.15 5.92
C12 3CI C . -0.77 -18.42 5.33
C14 3CI C . -3.03 -19.31 5.22
C16 3CI C . -4.92 -20.76 4.64
C19 3CI C . -7.52 -20.79 2.74
C25 3CI C . -4.91 -14.77 0.34
C27 3CI C . -7.26 -13.82 0.14
C29 3CI C . -8.02 -12.04 1.56
C30 3CI C . -6.79 -12.03 2.19
C31 3CI C . -5.79 -12.91 1.79
C32 3CI C . -4.62 -14.69 -1.15
C33 3CI C . -4.70 -18.63 3.55
C34 3CI C . -3.50 -18.37 4.29
C36 3CI C . -0.15 -20.41 12.20
N5 3CI C . 2.39 -19.98 10.24
N7 3CI C . 1.76 -18.98 8.05
N8 3CI C . 0.63 -18.92 7.20
N18 3CI C . -6.50 -19.76 2.88
N24 3CI C . -5.31 -16.09 0.74
N35 3CI C . 0.20 -20.10 8.96
O4 3CI C . 3.03 -20.93 12.27
O23 3CI C . -4.50 -15.78 2.84
I IOD D . -7.05 7.77 15.90
I IOD E . -1.87 8.73 5.25
I IOD F . 13.65 -22.04 3.72
I IOD G . 4.78 5.76 8.18
C10 3CI H . 5.62 21.69 -3.29
C13 3CI H . 4.27 20.37 -1.35
C15 3CI H . 3.90 22.05 -5.64
C17 3CI H . 2.54 20.89 -7.23
C20 3CI H . 1.36 19.46 -8.29
C21 3CI H . 1.71 18.88 -7.13
C22 3CI H . 1.34 17.49 -6.72
C26 3CI H . 0.49 14.59 -7.76
C28 3CI H . 0.70 13.66 -9.89
C1 3CI H . 8.17 25.59 0.01
C2 3CI H . 8.94 24.29 -0.20
C3 3CI H . 8.84 23.33 0.96
C6 3CI H . 7.02 21.84 -0.06
C9 3CI H . 6.04 21.66 -1.94
C11 3CI H . 4.47 21.01 -3.61
C12 3CI H . 3.79 20.37 -2.63
C14 3CI H . 3.88 20.95 -4.83
C16 3CI H . 3.25 22.02 -6.84
C19 3CI H . 1.69 21.52 -9.42
C25 3CI H . -0.18 15.56 -6.82
C27 3CI H . 0.10 14.54 -9.04
C29 3CI H . 1.70 12.85 -9.44
C30 3CI H . 2.10 12.90 -8.13
C31 3CI H . 1.47 13.77 -7.29
C32 3CI H . -1.68 15.41 -6.86
C33 3CI H . 2.50 19.82 -6.44
C34 3CI H . 3.16 19.84 -5.20
C36 3CI H . 10.40 24.64 -0.37
N5 3CI H . 7.95 22.20 0.99
N7 3CI H . 5.98 21.12 0.13
N8 3CI H . 5.38 21.02 -1.07
N18 3CI H . 1.87 20.64 -8.33
N24 3CI H . 0.15 16.89 -7.22
N35 3CI H . 7.08 22.16 -1.30
O4 3CI H . 9.56 23.51 1.87
O23 3CI H . 2.02 16.85 -6.05
I IOD I . 16.85 -5.35 -4.80
I IOD J . 5.92 -6.80 -0.99
I IOD K . 7.91 -2.95 5.63
#